data_7TZX
#
_entry.id   7TZX
#
_cell.length_a   44.273
_cell.length_b   51.434
_cell.length_c   79.085
_cell.angle_alpha   90.000
_cell.angle_beta   92.160
_cell.angle_gamma   90.000
#
_symmetry.space_group_name_H-M   'P 1 21 1'
#
loop_
_entity.id
_entity.type
_entity.pdbx_description
1 polymer 'Cytochrome P450'
2 non-polymer '4-(chloromethyl)benzoic acid'
3 non-polymer 'PROTOPORPHYRIN IX CONTAINING FE'
4 non-polymer 'CHLORIDE ION'
5 water water
#
_entity_poly.entity_id   1
_entity_poly.type   'polypeptide(L)'
_entity_poly.pdbx_seq_one_letter_code
;MISNSSAESISAPPNDSTIPHLAIDPFSLDFFDDPYPDQQTLRDAGPVVYLDKWNVYGVARYAEVHAVLNDPTTFCSSRG
VGLSDFKKEKPWRPPSLILEADPPAHTRPRAVLSKVLSPATMKTIRDGFAAAADAKVDELLQRGCIDAIADLAEAYPLSV
FPDAMGLKQEGREHLLPYAGLVFNAFGPPNELRQTAIERSAPHQAYVNEQCQRPNLAPGGFGACIHAFTDTGEITPDEAP
LLVRSLLSAGLDTTVNGIGAAVYCLARFPGELQRLRSDPTLARNAFEEAVRFESPVQTFFRTTTREVELGGAVIGEGEKV
LMFLGSANRDPRRWSDPDLYDITRKTSGHVGFGSGVHMCVGQLVARLEGEVMLSALARKVAAIDIDGPVKRRFNNTLRGL
ESLPVKLTPA
;
_entity_poly.pdbx_strand_id   A
#
loop_
_chem_comp.id
_chem_comp.type
_chem_comp.name
_chem_comp.formula
CL non-polymer 'CHLORIDE ION' 'Cl -1'
HEM non-polymer 'PROTOPORPHYRIN IX CONTAINING FE' 'C34 H32 Fe N4 O4'
L3C non-polymer '4-(chloromethyl)benzoic acid' 'C8 H7 Cl O2'
#
# COMPACT_ATOMS: atom_id res chain seq x y z
N THR A 18 14.79 -19.20 23.38
CA THR A 18 14.05 -20.13 22.53
C THR A 18 12.86 -19.43 21.88
N ILE A 19 12.72 -19.64 20.57
CA ILE A 19 11.71 -18.94 19.78
C ILE A 19 10.43 -19.76 19.71
N PRO A 20 9.27 -19.18 20.00
CA PRO A 20 8.02 -19.93 19.88
C PRO A 20 7.71 -20.26 18.42
N HIS A 21 7.26 -21.48 18.20
CA HIS A 21 6.84 -21.93 16.87
C HIS A 21 5.33 -21.92 16.79
N LEU A 22 4.80 -21.25 15.77
CA LEU A 22 3.36 -21.15 15.58
C LEU A 22 2.98 -21.73 14.23
N ALA A 23 1.77 -22.30 14.19
CA ALA A 23 1.20 -22.89 12.98
C ALA A 23 0.29 -21.93 12.22
N ILE A 24 0.11 -20.71 12.73
CA ILE A 24 -0.72 -19.72 12.05
C ILE A 24 -0.21 -19.50 10.64
N ASP A 25 -1.14 -19.53 9.68
CA ASP A 25 -0.81 -19.19 8.29
C ASP A 25 -1.30 -17.76 8.03
N PRO A 26 -0.42 -16.77 8.02
CA PRO A 26 -0.86 -15.39 7.79
C PRO A 26 -1.29 -15.11 6.36
N PHE A 27 -1.27 -16.11 5.49
CA PHE A 27 -1.70 -15.96 4.10
C PHE A 27 -2.92 -16.83 3.80
N SER A 28 -3.59 -17.35 4.82
CA SER A 28 -4.79 -18.15 4.64
C SER A 28 -6.02 -17.25 4.59
N LEU A 29 -7.06 -17.73 3.90
CA LEU A 29 -8.28 -16.94 3.77
C LEU A 29 -8.91 -16.70 5.13
N ASP A 30 -8.83 -17.68 6.05
N ASP A 30 -8.82 -17.68 6.03
CA ASP A 30 -9.37 -17.46 7.38
CA ASP A 30 -9.33 -17.53 7.39
C ASP A 30 -8.68 -16.30 8.08
C ASP A 30 -8.67 -16.35 8.10
N PHE A 31 -7.35 -16.22 7.95
CA PHE A 31 -6.62 -15.12 8.56
C PHE A 31 -7.03 -13.79 7.93
N PHE A 32 -7.09 -13.74 6.60
CA PHE A 32 -7.49 -12.50 5.94
C PHE A 32 -8.87 -12.07 6.38
N ASP A 33 -9.80 -13.02 6.54
CA ASP A 33 -11.17 -12.70 6.91
C ASP A 33 -11.24 -11.98 8.26
N ASP A 34 -10.35 -12.29 9.19
CA ASP A 34 -10.32 -11.60 10.47
C ASP A 34 -8.96 -11.81 11.10
N PRO A 35 -8.01 -10.91 10.83
CA PRO A 35 -6.62 -11.12 11.26
C PRO A 35 -6.34 -10.73 12.70
N TYR A 36 -7.25 -10.06 13.38
CA TYR A 36 -6.88 -9.39 14.63
C TYR A 36 -6.60 -10.35 15.78
N PRO A 37 -7.41 -11.39 16.00
CA PRO A 37 -7.03 -12.36 17.04
C PRO A 37 -5.69 -13.02 16.77
N ASP A 38 -5.44 -13.47 15.54
CA ASP A 38 -4.17 -14.12 15.26
C ASP A 38 -3.01 -13.14 15.39
N GLN A 39 -3.22 -11.88 15.00
CA GLN A 39 -2.16 -10.89 15.19
C GLN A 39 -1.83 -10.70 16.67
N GLN A 40 -2.85 -10.68 17.54
CA GLN A 40 -2.55 -10.60 18.96
C GLN A 40 -1.78 -11.83 19.42
N THR A 41 -2.19 -13.02 18.96
CA THR A 41 -1.45 -14.24 19.30
C THR A 41 0.01 -14.13 18.87
N LEU A 42 0.24 -13.62 17.66
CA LEU A 42 1.61 -13.43 17.17
C LEU A 42 2.39 -12.45 18.04
N ARG A 43 1.77 -11.31 18.41
CA ARG A 43 2.48 -10.36 19.26
C ARG A 43 2.75 -10.96 20.62
N ASP A 44 1.78 -11.64 21.19
CA ASP A 44 1.88 -12.04 22.60
C ASP A 44 2.75 -13.27 22.78
N ALA A 45 3.01 -14.01 21.70
CA ALA A 45 3.84 -15.20 21.81
C ALA A 45 5.30 -14.84 22.10
N GLY A 46 5.74 -13.65 21.70
CA GLY A 46 7.11 -13.22 21.88
C GLY A 46 7.49 -12.17 20.86
N PRO A 47 8.60 -11.48 21.08
CA PRO A 47 9.03 -10.47 20.08
C PRO A 47 9.39 -11.06 18.74
N VAL A 48 9.83 -12.31 18.69
CA VAL A 48 10.15 -13.00 17.45
C VAL A 48 9.51 -14.38 17.49
N VAL A 49 8.82 -14.76 16.42
CA VAL A 49 8.20 -16.07 16.33
C VAL A 49 8.74 -16.77 15.09
N TYR A 50 8.56 -18.08 15.05
CA TYR A 50 8.86 -18.87 13.85
C TYR A 50 7.55 -19.43 13.32
N LEU A 51 7.27 -19.16 12.05
CA LEU A 51 6.05 -19.63 11.41
C LEU A 51 6.36 -20.93 10.67
N ASP A 52 5.99 -22.06 11.28
CA ASP A 52 6.31 -23.38 10.73
C ASP A 52 5.67 -23.62 9.37
N LYS A 53 4.56 -22.92 9.08
CA LYS A 53 3.86 -23.17 7.82
C LYS A 53 4.74 -22.81 6.62
N TRP A 54 5.55 -21.76 6.76
CA TRP A 54 6.34 -21.23 5.65
C TRP A 54 7.84 -21.17 5.93
N ASN A 55 8.29 -21.61 7.11
CA ASN A 55 9.71 -21.58 7.46
C ASN A 55 10.30 -20.17 7.39
N VAL A 56 9.62 -19.23 8.05
CA VAL A 56 10.09 -17.86 8.15
C VAL A 56 9.96 -17.39 9.59
N TYR A 57 10.78 -16.42 9.95
CA TYR A 57 10.63 -15.70 11.20
C TYR A 57 9.56 -14.63 11.02
N GLY A 58 8.89 -14.30 12.11
CA GLY A 58 7.87 -13.26 12.10
C GLY A 58 8.07 -12.29 13.23
N VAL A 59 7.82 -11.01 12.96
CA VAL A 59 7.79 -9.98 13.99
C VAL A 59 6.49 -9.21 13.85
N ALA A 60 5.72 -9.15 14.93
CA ALA A 60 4.40 -8.52 14.89
C ALA A 60 4.24 -7.35 15.85
N ARG A 61 5.19 -7.12 16.74
CA ARG A 61 5.12 -5.95 17.61
C ARG A 61 5.73 -4.75 16.92
N TYR A 62 5.24 -3.56 17.30
CA TYR A 62 5.75 -2.31 16.73
C TYR A 62 7.28 -2.22 16.85
N ALA A 63 7.81 -2.50 18.05
CA ALA A 63 9.24 -2.29 18.28
C ALA A 63 10.11 -3.08 17.30
N GLU A 64 9.82 -4.38 17.13
CA GLU A 64 10.67 -5.19 16.26
C GLU A 64 10.44 -4.87 14.78
N VAL A 65 9.18 -4.61 14.39
CA VAL A 65 8.91 -4.21 13.00
C VAL A 65 9.70 -2.95 12.68
N HIS A 66 9.63 -1.95 13.56
CA HIS A 66 10.36 -0.71 13.34
C HIS A 66 11.86 -0.94 13.30
N ALA A 67 12.39 -1.80 14.19
CA ALA A 67 13.83 -2.07 14.19
C ALA A 67 14.26 -2.73 12.87
N VAL A 68 13.48 -3.72 12.41
CA VAL A 68 13.85 -4.40 11.18
C VAL A 68 13.84 -3.43 10.01
N LEU A 69 12.75 -2.66 9.87
CA LEU A 69 12.68 -1.70 8.77
C LEU A 69 13.86 -0.75 8.77
N ASN A 70 14.38 -0.39 9.94
CA ASN A 70 15.41 0.64 10.03
C ASN A 70 16.83 0.08 10.08
N ASP A 71 17.02 -1.21 9.80
CA ASP A 71 18.34 -1.80 9.63
C ASP A 71 18.38 -2.50 8.28
N PRO A 72 18.47 -1.74 7.18
CA PRO A 72 18.46 -2.38 5.85
C PRO A 72 19.73 -3.12 5.53
N THR A 73 20.85 -2.83 6.21
CA THR A 73 22.06 -3.61 5.97
C THR A 73 21.88 -5.04 6.44
N THR A 74 21.31 -5.22 7.64
CA THR A 74 21.12 -6.56 8.19
C THR A 74 19.90 -7.23 7.59
N PHE A 75 18.82 -6.47 7.41
CA PHE A 75 17.55 -7.00 6.91
C PHE A 75 17.35 -6.43 5.51
N CYS A 76 17.92 -7.12 4.52
CA CYS A 76 18.03 -6.53 3.20
C CYS A 76 16.76 -6.74 2.39
N SER A 77 16.66 -5.98 1.29
CA SER A 77 15.55 -6.09 0.35
C SER A 77 15.94 -6.68 -1.00
N SER A 78 17.23 -6.78 -1.31
CA SER A 78 17.66 -7.23 -2.63
C SER A 78 17.49 -8.72 -2.84
N ARG A 79 17.23 -9.50 -1.78
CA ARG A 79 16.85 -10.88 -1.95
C ARG A 79 15.34 -11.06 -2.00
N GLY A 80 14.61 -9.96 -2.25
CA GLY A 80 13.17 -9.99 -2.39
C GLY A 80 12.45 -9.59 -1.11
N VAL A 81 11.33 -8.89 -1.26
CA VAL A 81 10.49 -8.53 -0.12
C VAL A 81 9.23 -9.37 -0.05
N GLY A 82 9.14 -10.41 -0.89
CA GLY A 82 8.18 -11.47 -0.71
C GLY A 82 8.82 -12.68 -0.04
N LEU A 83 8.05 -13.78 -0.01
CA LEU A 83 8.57 -15.00 0.61
C LEU A 83 9.77 -15.52 -0.17
N SER A 84 9.71 -15.44 -1.49
CA SER A 84 10.77 -16.01 -2.31
C SER A 84 12.10 -15.30 -2.07
N ASP A 85 13.17 -16.09 -1.97
CA ASP A 85 14.53 -15.57 -1.80
C ASP A 85 15.18 -15.58 -3.17
N PHE A 86 15.51 -14.39 -3.68
CA PHE A 86 16.08 -14.28 -5.03
C PHE A 86 17.42 -14.98 -5.17
N LYS A 87 18.08 -15.30 -4.05
CA LYS A 87 19.31 -16.09 -4.10
C LYS A 87 19.04 -17.56 -4.36
N LYS A 88 17.80 -18.01 -4.15
CA LYS A 88 17.40 -19.39 -4.31
C LYS A 88 16.50 -19.63 -5.53
N GLU A 89 15.60 -18.69 -5.83
CA GLU A 89 14.64 -18.85 -6.91
C GLU A 89 14.70 -17.64 -7.84
N LYS A 90 14.25 -17.84 -9.06
CA LYS A 90 14.18 -16.74 -10.02
C LYS A 90 13.01 -15.84 -9.66
N PRO A 91 13.19 -14.52 -9.64
CA PRO A 91 12.04 -13.62 -9.45
C PRO A 91 11.02 -13.80 -10.56
N TRP A 92 9.75 -13.62 -10.22
CA TRP A 92 8.70 -13.80 -11.21
C TRP A 92 8.74 -12.74 -12.31
N ARG A 93 9.31 -11.57 -12.05
CA ARG A 93 9.58 -10.53 -13.02
C ARG A 93 10.93 -9.92 -12.65
N PRO A 94 11.59 -9.24 -13.58
CA PRO A 94 12.88 -8.59 -13.24
C PRO A 94 12.73 -7.75 -11.99
N PRO A 95 13.70 -7.79 -11.08
CA PRO A 95 13.55 -7.10 -9.80
C PRO A 95 13.32 -5.60 -9.97
N SER A 96 12.48 -5.05 -9.10
CA SER A 96 12.33 -3.62 -9.01
C SER A 96 13.67 -2.97 -8.67
N LEU A 97 13.98 -1.89 -9.37
CA LEU A 97 15.22 -1.16 -9.12
C LEU A 97 15.19 -0.36 -7.84
N ILE A 98 14.03 -0.26 -7.20
CA ILE A 98 13.92 0.51 -5.97
C ILE A 98 13.47 -0.38 -4.81
N LEU A 99 12.32 -1.06 -4.95
CA LEU A 99 11.80 -1.85 -3.84
C LEU A 99 12.72 -3.01 -3.51
N GLU A 100 13.32 -3.63 -4.53
CA GLU A 100 14.08 -4.85 -4.39
C GLU A 100 15.58 -4.58 -4.59
N ALA A 101 16.02 -3.44 -4.13
CA ALA A 101 17.42 -3.03 -4.16
C ALA A 101 17.82 -2.52 -2.80
N ASP A 102 19.09 -2.68 -2.47
CA ASP A 102 19.66 -2.17 -1.24
C ASP A 102 20.55 -0.99 -1.56
N PRO A 103 20.80 -0.13 -0.58
CA PRO A 103 21.86 0.88 -0.76
C PRO A 103 23.18 0.17 -0.98
N PRO A 104 24.04 0.69 -1.86
CA PRO A 104 23.90 1.97 -2.56
C PRO A 104 23.13 1.91 -3.88
N ALA A 105 22.87 0.73 -4.44
CA ALA A 105 22.18 0.68 -5.72
C ALA A 105 20.79 1.31 -5.63
N HIS A 106 20.17 1.24 -4.47
CA HIS A 106 18.85 1.80 -4.23
C HIS A 106 18.84 3.32 -4.34
N THR A 107 19.97 3.97 -4.03
CA THR A 107 19.93 5.37 -3.63
C THR A 107 19.57 6.31 -4.78
N ARG A 108 20.19 6.13 -5.94
CA ARG A 108 19.90 7.08 -7.01
C ARG A 108 18.53 6.88 -7.63
N PRO A 109 18.08 5.65 -7.91
CA PRO A 109 16.69 5.47 -8.35
C PRO A 109 15.69 6.05 -7.37
N ARG A 110 15.93 5.86 -6.07
CA ARG A 110 15.03 6.44 -5.06
C ARG A 110 15.01 7.97 -5.15
N ALA A 111 16.18 8.58 -5.32
CA ALA A 111 16.23 10.04 -5.45
C ALA A 111 15.42 10.53 -6.64
N VAL A 112 15.49 9.80 -7.77
CA VAL A 112 14.71 10.18 -8.94
C VAL A 112 13.21 10.12 -8.66
N LEU A 113 12.75 9.00 -8.09
CA LEU A 113 11.31 8.92 -7.79
C LEU A 113 10.90 9.98 -6.77
N SER A 114 11.78 10.30 -5.82
CA SER A 114 11.49 11.35 -4.85
C SER A 114 11.24 12.69 -5.54
N LYS A 115 12.07 13.03 -6.56
CA LYS A 115 11.90 14.29 -7.25
C LYS A 115 10.70 14.26 -8.19
N VAL A 116 10.43 13.11 -8.80
CA VAL A 116 9.28 12.98 -9.67
C VAL A 116 7.98 13.15 -8.87
N LEU A 117 7.95 12.62 -7.65
CA LEU A 117 6.77 12.65 -6.78
C LEU A 117 6.97 13.63 -5.62
N SER A 118 7.54 14.78 -5.93
CA SER A 118 8.09 15.67 -4.91
C SER A 118 7.03 16.63 -4.39
N PRO A 119 7.28 17.20 -3.21
CA PRO A 119 6.40 18.26 -2.71
C PRO A 119 6.08 19.29 -3.77
N ALA A 120 7.10 19.75 -4.50
CA ALA A 120 6.87 20.71 -5.56
C ALA A 120 5.96 20.16 -6.65
N THR A 121 6.04 18.85 -6.93
CA THR A 121 5.18 18.26 -7.96
C THR A 121 3.71 18.21 -7.51
N MET A 122 3.46 18.00 -6.23
CA MET A 122 2.07 17.93 -5.77
C MET A 122 1.32 19.22 -6.10
N LYS A 123 2.02 20.36 -6.10
CA LYS A 123 1.36 21.62 -6.42
C LYS A 123 0.78 21.63 -7.83
N THR A 124 1.44 20.95 -8.79
N THR A 124 1.44 20.95 -8.79
CA THR A 124 0.96 20.98 -10.16
CA THR A 124 0.95 20.98 -10.16
C THR A 124 -0.32 20.15 -10.34
C THR A 124 -0.32 20.15 -10.35
N ILE A 125 -0.52 19.13 -9.51
CA ILE A 125 -1.66 18.22 -9.70
C ILE A 125 -2.80 18.44 -8.71
N ARG A 126 -2.59 19.20 -7.63
CA ARG A 126 -3.57 19.25 -6.55
C ARG A 126 -4.93 19.77 -7.03
N ASP A 127 -4.94 20.85 -7.81
CA ASP A 127 -6.23 21.41 -8.21
C ASP A 127 -7.05 20.40 -8.99
N GLY A 128 -6.40 19.65 -9.89
CA GLY A 128 -7.12 18.69 -10.70
C GLY A 128 -7.58 17.50 -9.88
N PHE A 129 -6.74 17.02 -8.96
CA PHE A 129 -7.13 15.91 -8.11
C PHE A 129 -8.32 16.29 -7.23
N ALA A 130 -8.30 17.51 -6.67
CA ALA A 130 -9.40 17.96 -5.82
C ALA A 130 -10.69 18.13 -6.62
N ALA A 131 -10.61 18.74 -7.80
CA ALA A 131 -11.82 18.88 -8.62
C ALA A 131 -12.41 17.52 -8.97
N ALA A 132 -11.55 16.54 -9.29
CA ALA A 132 -12.07 15.21 -9.61
C ALA A 132 -12.71 14.53 -8.40
N ALA A 133 -12.19 14.80 -7.20
CA ALA A 133 -12.78 14.24 -6.00
C ALA A 133 -14.15 14.85 -5.74
N ASP A 134 -14.25 16.18 -5.81
CA ASP A 134 -15.55 16.84 -5.65
C ASP A 134 -16.55 16.36 -6.69
N ALA A 135 -16.11 16.26 -7.94
CA ALA A 135 -17.01 15.81 -9.00
C ALA A 135 -17.51 14.40 -8.74
N LYS A 136 -16.62 13.51 -8.29
CA LYS A 136 -17.04 12.13 -8.02
C LYS A 136 -18.09 12.09 -6.91
N VAL A 137 -17.85 12.84 -5.83
CA VAL A 137 -18.82 12.81 -4.74
C VAL A 137 -20.16 13.37 -5.19
N ASP A 138 -20.14 14.46 -5.96
CA ASP A 138 -21.40 15.00 -6.49
C ASP A 138 -22.13 13.97 -7.34
N GLU A 139 -21.39 13.26 -8.21
CA GLU A 139 -21.99 12.22 -9.03
C GLU A 139 -22.61 11.14 -8.16
N LEU A 140 -21.86 10.68 -7.15
CA LEU A 140 -22.35 9.61 -6.30
C LEU A 140 -23.60 10.03 -5.52
N LEU A 141 -23.66 11.30 -5.10
CA LEU A 141 -24.83 11.80 -4.39
C LEU A 141 -26.08 11.79 -5.26
N GLN A 142 -25.92 11.91 -6.59
CA GLN A 142 -27.08 11.80 -7.48
C GLN A 142 -27.64 10.38 -7.49
N ARG A 143 -26.79 9.36 -7.29
CA ARG A 143 -27.25 7.98 -7.21
C ARG A 143 -27.72 7.59 -5.82
N GLY A 144 -27.10 8.14 -4.77
CA GLY A 144 -27.51 7.87 -3.41
C GLY A 144 -26.99 6.55 -2.87
N CYS A 145 -27.41 5.45 -3.48
CA CYS A 145 -26.97 4.12 -3.08
C CYS A 145 -25.92 3.64 -4.08
N ILE A 146 -24.70 3.46 -3.59
CA ILE A 146 -23.54 3.17 -4.43
C ILE A 146 -22.72 2.08 -3.75
N ASP A 147 -21.76 1.55 -4.50
CA ASP A 147 -20.76 0.63 -3.97
C ASP A 147 -19.50 1.45 -3.74
N ALA A 148 -19.14 1.65 -2.47
CA ALA A 148 -18.01 2.53 -2.17
C ALA A 148 -16.69 1.97 -2.66
N ILE A 149 -16.64 0.71 -3.09
CA ILE A 149 -15.42 0.21 -3.69
C ILE A 149 -15.43 0.56 -5.18
N ALA A 150 -16.19 -0.18 -5.99
CA ALA A 150 -16.17 0.06 -7.44
C ALA A 150 -16.41 1.53 -7.78
N ASP A 151 -17.40 2.16 -7.13
CA ASP A 151 -17.86 3.47 -7.56
C ASP A 151 -17.08 4.63 -6.95
N LEU A 152 -16.22 4.37 -5.97
CA LEU A 152 -15.53 5.46 -5.28
C LEU A 152 -14.05 5.13 -5.10
N ALA A 153 -13.75 4.12 -4.28
CA ALA A 153 -12.36 3.77 -3.99
C ALA A 153 -11.60 3.37 -5.24
N GLU A 154 -12.23 2.65 -6.16
CA GLU A 154 -11.61 2.32 -7.44
C GLU A 154 -11.79 3.47 -8.44
N ALA A 155 -13.02 3.97 -8.56
CA ALA A 155 -13.33 4.92 -9.62
C ALA A 155 -12.51 6.20 -9.48
N TYR A 156 -12.35 6.71 -8.25
CA TYR A 156 -11.63 7.98 -8.12
C TYR A 156 -10.16 7.86 -8.48
N PRO A 157 -9.37 6.93 -7.93
CA PRO A 157 -7.99 6.80 -8.40
C PRO A 157 -7.88 6.53 -9.89
N LEU A 158 -8.80 5.73 -10.45
CA LEU A 158 -8.77 5.50 -11.88
C LEU A 158 -9.00 6.79 -12.66
N SER A 159 -9.72 7.75 -12.07
CA SER A 159 -10.01 9.00 -12.78
C SER A 159 -8.87 10.00 -12.73
N VAL A 160 -7.85 9.80 -11.89
CA VAL A 160 -6.77 10.77 -11.77
C VAL A 160 -5.38 10.19 -12.00
N PHE A 161 -5.13 8.96 -11.53
CA PHE A 161 -3.75 8.49 -11.50
C PHE A 161 -3.22 8.08 -12.89
N PRO A 162 -3.95 7.27 -13.65
CA PRO A 162 -3.50 6.96 -15.02
C PRO A 162 -3.22 8.20 -15.85
N ASP A 163 -4.08 9.22 -15.74
CA ASP A 163 -3.79 10.47 -16.44
C ASP A 163 -2.54 11.14 -15.90
N ALA A 164 -2.37 11.18 -14.57
CA ALA A 164 -1.17 11.81 -14.01
C ALA A 164 0.10 11.06 -14.43
N MET A 165 -0.01 9.74 -14.65
CA MET A 165 1.10 8.96 -15.17
C MET A 165 1.40 9.31 -16.62
N GLY A 166 0.41 9.78 -17.38
CA GLY A 166 0.56 9.96 -18.80
C GLY A 166 0.20 8.77 -19.66
N LEU A 167 -0.60 7.83 -19.16
CA LEU A 167 -0.99 6.65 -19.92
C LEU A 167 -2.06 7.00 -20.95
N LYS A 168 -2.02 6.30 -22.08
CA LYS A 168 -3.14 6.37 -23.01
C LYS A 168 -4.38 5.78 -22.35
N GLN A 169 -5.52 6.01 -22.99
CA GLN A 169 -6.79 5.48 -22.48
C GLN A 169 -6.86 3.97 -22.67
N GLU A 170 -6.49 3.49 -23.84
CA GLU A 170 -6.69 2.07 -24.17
C GLU A 170 -5.86 1.19 -23.24
N GLY A 171 -6.50 0.16 -22.69
CA GLY A 171 -5.80 -0.84 -21.92
C GLY A 171 -5.74 -0.59 -20.43
N ARG A 172 -6.31 0.51 -19.94
CA ARG A 172 -6.20 0.80 -18.52
C ARG A 172 -6.85 -0.27 -17.66
N GLU A 173 -7.74 -1.08 -18.24
CA GLU A 173 -8.35 -2.18 -17.52
C GLU A 173 -7.33 -3.21 -17.03
N HIS A 174 -6.09 -3.16 -17.53
CA HIS A 174 -5.04 -4.06 -17.06
C HIS A 174 -4.38 -3.60 -15.76
N LEU A 175 -4.60 -2.36 -15.33
CA LEU A 175 -3.79 -1.81 -14.25
C LEU A 175 -4.12 -2.45 -12.90
N LEU A 176 -5.41 -2.53 -12.56
CA LEU A 176 -5.75 -3.15 -11.28
C LEU A 176 -5.40 -4.64 -11.26
N PRO A 177 -5.70 -5.40 -12.32
CA PRO A 177 -5.23 -6.81 -12.34
C PRO A 177 -3.73 -6.95 -12.21
N TYR A 178 -2.95 -6.09 -12.86
CA TYR A 178 -1.49 -6.16 -12.71
C TYR A 178 -1.09 -5.91 -11.28
N ALA A 179 -1.67 -4.89 -10.63
CA ALA A 179 -1.33 -4.60 -9.25
C ALA A 179 -1.73 -5.75 -8.33
N GLY A 180 -2.91 -6.33 -8.54
CA GLY A 180 -3.31 -7.46 -7.72
C GLY A 180 -2.32 -8.59 -7.83
N LEU A 181 -1.81 -8.83 -9.03
CA LEU A 181 -0.77 -9.83 -9.28
C LEU A 181 0.52 -9.49 -8.53
N VAL A 182 0.98 -8.25 -8.63
CA VAL A 182 2.20 -7.84 -7.92
C VAL A 182 2.07 -8.14 -6.44
N PHE A 183 0.95 -7.74 -5.86
CA PHE A 183 0.80 -7.89 -4.41
C PHE A 183 0.57 -9.34 -4.01
N ASN A 184 -0.14 -10.11 -4.83
CA ASN A 184 -0.24 -11.54 -4.55
C ASN A 184 1.11 -12.23 -4.66
N ALA A 185 1.98 -11.75 -5.57
CA ALA A 185 3.26 -12.41 -5.81
C ALA A 185 4.27 -12.23 -4.67
N PHE A 186 4.08 -11.23 -3.80
CA PHE A 186 4.91 -11.20 -2.60
C PHE A 186 4.59 -12.35 -1.65
N GLY A 187 3.44 -13.00 -1.81
CA GLY A 187 3.04 -14.03 -0.88
C GLY A 187 3.77 -15.34 -1.13
N PRO A 188 3.44 -16.32 -0.30
CA PRO A 188 3.96 -17.67 -0.53
C PRO A 188 3.31 -18.29 -1.75
N PRO A 189 3.82 -19.43 -2.21
CA PRO A 189 3.27 -20.06 -3.42
C PRO A 189 1.98 -20.82 -3.12
N ASN A 190 0.99 -20.09 -2.63
CA ASN A 190 -0.34 -20.62 -2.40
C ASN A 190 -1.21 -20.45 -3.64
N GLU A 191 -2.49 -20.79 -3.53
CA GLU A 191 -3.34 -20.74 -4.71
C GLU A 191 -3.54 -19.30 -5.19
N LEU A 192 -3.64 -18.34 -4.27
CA LEU A 192 -3.77 -16.95 -4.69
C LEU A 192 -2.59 -16.53 -5.57
N ARG A 193 -1.38 -16.91 -5.18
CA ARG A 193 -0.21 -16.50 -5.95
C ARG A 193 -0.14 -17.28 -7.26
N GLN A 194 -0.35 -18.59 -7.20
CA GLN A 194 -0.19 -19.41 -8.40
C GLN A 194 -1.22 -19.02 -9.46
N THR A 195 -2.46 -18.75 -9.05
CA THR A 195 -3.50 -18.34 -9.99
C THR A 195 -3.18 -16.98 -10.59
N ALA A 196 -2.70 -16.03 -9.78
CA ALA A 196 -2.34 -14.72 -10.31
C ALA A 196 -1.27 -14.84 -11.38
N ILE A 197 -0.22 -15.62 -11.10
CA ILE A 197 0.85 -15.76 -12.07
C ILE A 197 0.35 -16.45 -13.33
N GLU A 198 -0.56 -17.43 -13.19
CA GLU A 198 -1.09 -18.13 -14.36
C GLU A 198 -1.75 -17.16 -15.35
N ARG A 199 -2.41 -16.14 -14.83
CA ARG A 199 -3.19 -15.20 -15.63
C ARG A 199 -2.41 -13.94 -16.02
N SER A 200 -1.12 -13.89 -15.72
CA SER A 200 -0.39 -12.62 -15.72
C SER A 200 0.00 -12.13 -17.11
N ALA A 201 0.16 -13.02 -18.09
CA ALA A 201 0.84 -12.63 -19.33
C ALA A 201 0.29 -11.37 -19.98
N PRO A 202 -1.03 -11.24 -20.22
CA PRO A 202 -1.53 -10.03 -20.89
C PRO A 202 -1.32 -8.76 -20.07
N HIS A 203 -1.43 -8.83 -18.74
CA HIS A 203 -1.23 -7.65 -17.91
C HIS A 203 0.23 -7.23 -17.91
N GLN A 204 1.13 -8.20 -17.78
CA GLN A 204 2.56 -7.93 -17.88
C GLN A 204 2.90 -7.27 -19.21
N ALA A 205 2.35 -7.80 -20.31
CA ALA A 205 2.67 -7.27 -21.63
C ALA A 205 2.20 -5.83 -21.77
N TYR A 206 0.98 -5.54 -21.32
CA TYR A 206 0.49 -4.17 -21.38
C TYR A 206 1.37 -3.23 -20.56
N VAL A 207 1.65 -3.60 -19.30
CA VAL A 207 2.38 -2.71 -18.41
C VAL A 207 3.78 -2.47 -18.93
N ASN A 208 4.49 -3.54 -19.33
CA ASN A 208 5.84 -3.35 -19.83
C ASN A 208 5.85 -2.41 -21.03
N GLU A 209 4.88 -2.54 -21.93
CA GLU A 209 4.86 -1.68 -23.10
C GLU A 209 4.63 -0.21 -22.73
N GLN A 210 3.75 0.07 -21.75
CA GLN A 210 3.48 1.45 -21.40
C GLN A 210 4.67 2.14 -20.74
N CYS A 211 5.68 1.37 -20.29
CA CYS A 211 6.83 1.92 -19.62
C CYS A 211 7.84 2.55 -20.57
N GLN A 212 7.68 2.32 -21.87
CA GLN A 212 8.62 2.87 -22.86
C GLN A 212 8.32 4.34 -23.09
N ARG A 213 9.39 5.12 -23.21
CA ARG A 213 9.28 6.58 -23.32
C ARG A 213 8.22 7.06 -24.31
N PRO A 214 8.12 6.52 -25.53
CA PRO A 214 7.15 7.08 -26.50
C PRO A 214 5.69 6.92 -26.07
N ASN A 215 5.40 6.09 -25.08
CA ASN A 215 4.03 5.78 -24.70
C ASN A 215 3.56 6.57 -23.48
N LEU A 216 4.33 7.55 -23.02
CA LEU A 216 4.02 8.29 -21.80
C LEU A 216 3.88 9.77 -22.15
N ALA A 217 2.70 10.33 -21.87
CA ALA A 217 2.36 11.65 -22.38
C ALA A 217 3.19 12.74 -21.71
N PRO A 218 3.44 13.84 -22.42
CA PRO A 218 4.31 14.89 -21.87
C PRO A 218 3.82 15.40 -20.51
N GLY A 219 4.77 15.69 -19.63
CA GLY A 219 4.48 16.28 -18.35
C GLY A 219 4.00 15.34 -17.27
N GLY A 220 3.66 14.08 -17.60
CA GLY A 220 3.21 13.14 -16.59
C GLY A 220 4.36 12.50 -15.83
N PHE A 221 4.01 11.67 -14.85
CA PHE A 221 5.04 11.07 -14.02
C PHE A 221 6.00 10.21 -14.85
N GLY A 222 5.46 9.47 -15.83
CA GLY A 222 6.31 8.59 -16.61
C GLY A 222 7.30 9.35 -17.46
N ALA A 223 6.84 10.39 -18.15
CA ALA A 223 7.74 11.21 -18.95
C ALA A 223 8.78 11.87 -18.06
N CYS A 224 8.39 12.26 -16.85
CA CYS A 224 9.35 12.91 -15.94
CA CYS A 224 9.35 12.91 -15.97
C CYS A 224 10.44 11.94 -15.52
N ILE A 225 10.10 10.68 -15.28
CA ILE A 225 11.13 9.68 -14.98
C ILE A 225 12.11 9.60 -16.14
N HIS A 226 11.60 9.45 -17.36
CA HIS A 226 12.49 9.35 -18.52
C HIS A 226 13.34 10.61 -18.67
N ALA A 227 12.81 11.77 -18.29
CA ALA A 227 13.58 13.01 -18.40
C ALA A 227 14.76 13.05 -17.43
N PHE A 228 14.73 12.26 -16.36
CA PHE A 228 15.83 12.24 -15.41
C PHE A 228 16.98 11.37 -15.87
N THR A 229 16.88 10.73 -17.03
CA THR A 229 17.91 9.81 -17.51
C THR A 229 19.12 10.54 -18.06
N ASP A 230 19.21 11.87 -17.93
N ASP A 230 19.12 11.87 -17.89
CA ASP A 230 20.41 12.55 -18.42
CA ASP A 230 20.08 12.85 -18.38
C ASP A 230 21.15 13.29 -17.31
C ASP A 230 21.10 13.25 -17.32
N THR A 231 20.76 13.08 -16.05
CA THR A 231 21.45 13.72 -14.94
C THR A 231 22.57 12.88 -14.36
N GLY A 232 22.71 11.64 -14.79
CA GLY A 232 23.63 10.73 -14.14
C GLY A 232 23.06 10.01 -12.95
N GLU A 233 21.77 10.19 -12.65
CA GLU A 233 21.18 9.44 -11.55
C GLU A 233 20.66 8.08 -12.01
N ILE A 234 20.05 8.02 -13.19
CA ILE A 234 19.64 6.78 -13.82
C ILE A 234 20.00 6.85 -15.29
N THR A 235 20.15 5.69 -15.90
CA THR A 235 20.38 5.66 -17.33
C THR A 235 19.08 5.40 -18.06
N PRO A 236 19.04 5.64 -19.37
CA PRO A 236 17.79 5.40 -20.12
C PRO A 236 17.23 4.00 -19.94
N ASP A 237 18.07 2.98 -19.82
CA ASP A 237 17.58 1.60 -19.69
C ASP A 237 17.01 1.30 -18.31
N GLU A 238 17.19 2.20 -17.33
CA GLU A 238 16.57 2.05 -16.02
C GLU A 238 15.19 2.70 -15.95
N ALA A 239 14.90 3.67 -16.82
CA ALA A 239 13.64 4.38 -16.74
C ALA A 239 12.42 3.48 -16.88
N PRO A 240 12.36 2.56 -17.83
CA PRO A 240 11.14 1.72 -17.93
C PRO A 240 10.81 0.97 -16.65
N LEU A 241 11.80 0.38 -15.98
CA LEU A 241 11.49 -0.33 -14.74
C LEU A 241 11.02 0.61 -13.63
N LEU A 242 11.50 1.87 -13.63
CA LEU A 242 11.04 2.82 -12.63
C LEU A 242 9.60 3.27 -12.90
N VAL A 243 9.25 3.44 -14.18
CA VAL A 243 7.83 3.61 -14.51
C VAL A 243 7.04 2.39 -14.04
N ARG A 244 7.60 1.20 -14.23
CA ARG A 244 6.91 -0.02 -13.81
C ARG A 244 6.62 0.02 -12.32
N SER A 245 7.53 0.58 -11.52
CA SER A 245 7.29 0.69 -10.09
C SER A 245 6.04 1.52 -9.79
N LEU A 246 5.86 2.64 -10.48
CA LEU A 246 4.69 3.47 -10.23
C LEU A 246 3.41 2.78 -10.72
N LEU A 247 3.48 2.04 -11.82
CA LEU A 247 2.32 1.29 -12.29
C LEU A 247 2.03 0.05 -11.46
N SER A 248 2.98 -0.39 -10.64
CA SER A 248 2.76 -1.51 -9.72
C SER A 248 2.15 -1.04 -8.40
N ALA A 249 2.74 0.00 -7.81
CA ALA A 249 2.43 0.45 -6.46
C ALA A 249 1.47 1.64 -6.42
N GLY A 250 1.25 2.33 -7.53
CA GLY A 250 0.65 3.64 -7.45
C GLY A 250 -0.85 3.71 -7.47
N LEU A 251 -1.54 2.63 -7.82
CA LEU A 251 -2.98 2.66 -7.99
C LEU A 251 -3.72 1.81 -6.95
N ASP A 252 -3.43 0.51 -6.88
CA ASP A 252 -4.20 -0.40 -6.02
C ASP A 252 -4.01 -0.07 -4.54
N THR A 253 -2.85 0.47 -4.17
CA THR A 253 -2.64 0.90 -2.79
C THR A 253 -3.63 1.99 -2.43
N THR A 254 -3.76 3.00 -3.30
CA THR A 254 -4.67 4.12 -3.03
C THR A 254 -6.12 3.67 -3.04
N VAL A 255 -6.47 2.71 -3.91
CA VAL A 255 -7.80 2.13 -3.89
C VAL A 255 -8.11 1.57 -2.50
N ASN A 256 -7.19 0.78 -1.96
CA ASN A 256 -7.42 0.21 -0.63
C ASN A 256 -7.26 1.21 0.49
N GLY A 257 -6.44 2.25 0.31
CA GLY A 257 -6.38 3.31 1.32
C GLY A 257 -7.66 4.10 1.39
N ILE A 258 -8.17 4.55 0.24
CA ILE A 258 -9.43 5.29 0.23
C ILE A 258 -10.58 4.39 0.68
N GLY A 259 -10.59 3.15 0.20
CA GLY A 259 -11.62 2.22 0.66
C GLY A 259 -11.59 2.04 2.17
N ALA A 260 -10.40 1.96 2.75
CA ALA A 260 -10.29 1.82 4.21
C ALA A 260 -10.87 3.04 4.90
N ALA A 261 -10.53 4.24 4.41
CA ALA A 261 -11.02 5.46 5.03
C ALA A 261 -12.55 5.52 4.97
N VAL A 262 -13.12 5.20 3.81
CA VAL A 262 -14.58 5.22 3.70
C VAL A 262 -15.20 4.17 4.61
N TYR A 263 -14.60 2.97 4.65
CA TYR A 263 -15.12 1.93 5.54
C TYR A 263 -15.07 2.37 7.00
N CYS A 264 -13.99 3.05 7.38
CA CYS A 264 -13.89 3.57 8.74
C CYS A 264 -14.97 4.60 9.02
N LEU A 265 -15.17 5.55 8.09
CA LEU A 265 -16.20 6.56 8.32
C LEU A 265 -17.59 5.94 8.37
N ALA A 266 -17.80 4.88 7.58
CA ALA A 266 -19.10 4.21 7.59
C ALA A 266 -19.36 3.49 8.91
N ARG A 267 -18.33 2.87 9.48
CA ARG A 267 -18.49 2.13 10.72
C ARG A 267 -18.50 3.02 11.95
N PHE A 268 -17.89 4.20 11.87
CA PHE A 268 -17.69 5.09 13.03
C PHE A 268 -18.30 6.45 12.72
N PRO A 269 -19.64 6.55 12.75
CA PRO A 269 -20.29 7.82 12.38
C PRO A 269 -19.90 8.99 13.25
N GLY A 270 -19.50 8.74 14.50
CA GLY A 270 -19.03 9.83 15.34
C GLY A 270 -17.81 10.52 14.75
N GLU A 271 -16.95 9.76 14.09
CA GLU A 271 -15.78 10.35 13.45
C GLU A 271 -16.15 11.06 12.15
N LEU A 272 -17.13 10.55 11.40
CA LEU A 272 -17.62 11.32 10.26
C LEU A 272 -18.15 12.67 10.73
N GLN A 273 -18.85 12.68 11.87
CA GLN A 273 -19.42 13.93 12.38
CA GLN A 273 -19.42 13.93 12.38
C GLN A 273 -18.33 14.91 12.77
N ARG A 274 -17.24 14.43 13.37
CA ARG A 274 -16.13 15.32 13.69
C ARG A 274 -15.47 15.83 12.42
N LEU A 275 -15.33 14.97 11.41
CA LEU A 275 -14.71 15.39 10.17
C LEU A 275 -15.55 16.45 9.46
N ARG A 276 -16.88 16.25 9.43
CA ARG A 276 -17.76 17.27 8.84
C ARG A 276 -17.59 18.60 9.55
N SER A 277 -17.43 18.57 10.87
CA SER A 277 -17.35 19.82 11.62
C SER A 277 -16.02 20.54 11.42
N ASP A 278 -14.96 19.81 11.04
CA ASP A 278 -13.67 20.44 10.71
C ASP A 278 -13.03 19.69 9.54
N PRO A 279 -13.38 20.07 8.31
CA PRO A 279 -12.80 19.39 7.14
C PRO A 279 -11.29 19.45 7.04
N THR A 280 -10.63 20.34 7.80
CA THR A 280 -9.17 20.34 7.77
C THR A 280 -8.58 19.11 8.46
N LEU A 281 -9.40 18.30 9.11
CA LEU A 281 -8.96 17.01 9.64
C LEU A 281 -8.86 15.93 8.58
N ALA A 282 -9.16 16.26 7.31
CA ALA A 282 -9.23 15.25 6.26
C ALA A 282 -7.91 14.50 6.10
N ARG A 283 -6.79 15.22 6.10
CA ARG A 283 -5.51 14.56 5.89
C ARG A 283 -5.19 13.59 7.02
N ASN A 284 -5.44 14.01 8.27
CA ASN A 284 -5.18 13.10 9.38
C ASN A 284 -6.20 11.96 9.46
N ALA A 285 -7.46 12.22 9.05
CA ALA A 285 -8.43 11.14 9.00
C ALA A 285 -7.99 10.05 8.04
N PHE A 286 -7.40 10.45 6.91
CA PHE A 286 -6.87 9.46 5.97
C PHE A 286 -5.65 8.75 6.54
N GLU A 287 -4.74 9.50 7.17
CA GLU A 287 -3.57 8.86 7.77
C GLU A 287 -3.99 7.84 8.83
N GLU A 288 -4.99 8.19 9.64
CA GLU A 288 -5.48 7.27 10.66
C GLU A 288 -6.11 6.04 10.04
N ALA A 289 -6.76 6.19 8.88
CA ALA A 289 -7.30 5.02 8.18
C ALA A 289 -6.18 4.12 7.68
N VAL A 290 -5.07 4.71 7.25
CA VAL A 290 -3.91 3.91 6.84
C VAL A 290 -3.37 3.12 8.03
N ARG A 291 -3.27 3.76 9.20
CA ARG A 291 -2.82 3.02 10.38
C ARG A 291 -3.82 1.93 10.74
N PHE A 292 -5.10 2.29 10.77
CA PHE A 292 -6.15 1.42 11.32
C PHE A 292 -6.36 0.17 10.47
N GLU A 293 -6.42 0.33 9.14
CA GLU A 293 -6.61 -0.83 8.27
C GLU A 293 -5.29 -1.41 7.75
N SER A 294 -4.26 -0.59 7.60
CA SER A 294 -2.98 -0.98 7.01
C SER A 294 -3.16 -1.70 5.68
N PRO A 295 -3.56 -0.98 4.64
CA PRO A 295 -3.80 -1.60 3.33
C PRO A 295 -2.68 -2.51 2.85
N VAL A 296 -1.44 -2.12 3.07
CA VAL A 296 -0.30 -2.98 2.83
C VAL A 296 0.01 -3.67 4.16
N GLN A 297 -0.27 -4.96 4.24
CA GLN A 297 -0.28 -5.66 5.53
C GLN A 297 1.10 -6.14 5.95
N THR A 298 1.92 -6.56 4.99
CA THR A 298 3.11 -7.34 5.29
C THR A 298 4.18 -7.07 4.24
N PHE A 299 5.43 -7.15 4.66
CA PHE A 299 6.56 -7.27 3.76
C PHE A 299 7.60 -8.13 4.45
N PHE A 300 8.47 -8.74 3.64
CA PHE A 300 9.58 -9.55 4.14
C PHE A 300 10.91 -8.79 3.98
N ARG A 301 11.88 -9.23 4.76
CA ARG A 301 13.29 -8.92 4.57
C ARG A 301 14.07 -10.23 4.65
N THR A 302 15.34 -10.20 4.25
CA THR A 302 16.21 -11.37 4.33
C THR A 302 17.46 -10.98 5.11
N THR A 303 17.82 -11.79 6.11
CA THR A 303 18.99 -11.46 6.93
C THR A 303 20.26 -11.69 6.12
N THR A 304 21.22 -10.77 6.27
CA THR A 304 22.51 -10.88 5.59
C THR A 304 23.61 -11.39 6.50
N ARG A 305 23.28 -11.60 7.78
CA ARG A 305 24.21 -12.16 8.76
C ARG A 305 23.36 -12.74 9.88
N GLU A 306 24.02 -13.48 10.76
CA GLU A 306 23.39 -13.81 12.04
C GLU A 306 23.14 -12.53 12.82
N VAL A 307 21.98 -12.43 13.45
CA VAL A 307 21.57 -11.20 14.13
C VAL A 307 20.74 -11.56 15.35
N GLU A 308 20.88 -10.73 16.39
CA GLU A 308 20.04 -10.82 17.57
C GLU A 308 18.93 -9.78 17.42
N LEU A 309 17.68 -10.23 17.53
CA LEU A 309 16.53 -9.35 17.42
C LEU A 309 15.55 -9.75 18.51
N GLY A 310 15.19 -8.78 19.36
CA GLY A 310 14.28 -9.08 20.45
C GLY A 310 14.72 -10.26 21.29
N GLY A 311 16.00 -10.35 21.61
CA GLY A 311 16.52 -11.43 22.41
C GLY A 311 16.65 -12.77 21.70
N ALA A 312 16.35 -12.84 20.42
CA ALA A 312 16.44 -14.07 19.67
C ALA A 312 17.57 -13.98 18.64
N VAL A 313 18.15 -15.13 18.31
CA VAL A 313 19.24 -15.21 17.35
C VAL A 313 18.67 -15.76 16.05
N ILE A 314 18.80 -15.00 14.97
CA ILE A 314 18.37 -15.41 13.64
C ILE A 314 19.61 -15.59 12.78
N GLY A 315 19.69 -16.73 12.09
CA GLY A 315 20.82 -16.99 11.21
C GLY A 315 20.79 -16.16 9.93
N GLU A 316 21.89 -16.24 9.19
CA GLU A 316 22.02 -15.58 7.90
C GLU A 316 21.08 -16.22 6.89
N GLY A 317 20.62 -15.42 5.94
CA GLY A 317 19.84 -15.94 4.83
C GLY A 317 18.45 -16.40 5.19
N GLU A 318 17.87 -15.84 6.26
CA GLU A 318 16.54 -16.21 6.72
C GLU A 318 15.55 -15.12 6.34
N LYS A 319 14.35 -15.53 5.95
CA LYS A 319 13.28 -14.58 5.68
C LYS A 319 12.62 -14.16 6.98
N VAL A 320 12.33 -12.86 7.08
CA VAL A 320 11.69 -12.28 8.25
C VAL A 320 10.44 -11.57 7.76
N LEU A 321 9.28 -12.01 8.25
CA LEU A 321 8.00 -11.43 7.85
C LEU A 321 7.62 -10.33 8.84
N MET A 322 7.43 -9.11 8.35
CA MET A 322 7.01 -7.98 9.18
C MET A 322 5.51 -7.78 9.06
N PHE A 323 4.81 -7.78 10.19
CA PHE A 323 3.37 -7.55 10.21
C PHE A 323 3.14 -6.06 10.45
N LEU A 324 3.01 -5.28 9.36
CA LEU A 324 2.82 -3.84 9.49
C LEU A 324 1.49 -3.51 10.13
N GLY A 325 0.43 -4.21 9.73
CA GLY A 325 -0.88 -3.96 10.32
C GLY A 325 -0.92 -4.26 11.80
N SER A 326 -0.23 -5.33 12.22
CA SER A 326 -0.15 -5.67 13.63
C SER A 326 0.65 -4.62 14.41
N ALA A 327 1.79 -4.19 13.85
CA ALA A 327 2.57 -3.13 14.49
C ALA A 327 1.72 -1.87 14.69
N ASN A 328 0.84 -1.57 13.74
CA ASN A 328 -0.04 -0.41 13.80
C ASN A 328 -1.18 -0.59 14.78
N ARG A 329 -1.35 -1.79 15.34
N ARG A 329 -1.36 -1.79 15.35
CA ARG A 329 -2.38 -2.06 16.34
CA ARG A 329 -2.37 -2.01 16.37
C ARG A 329 -1.78 -2.52 17.67
C ARG A 329 -1.78 -2.54 17.67
N ASP A 330 -0.47 -2.43 17.83
CA ASP A 330 0.20 -2.97 19.02
C ASP A 330 -0.09 -2.08 20.22
N PRO A 331 -0.74 -2.58 21.27
CA PRO A 331 -1.02 -1.74 22.45
C PRO A 331 0.23 -1.34 23.22
N ARG A 332 1.36 -2.00 22.98
CA ARG A 332 2.61 -1.52 23.55
C ARG A 332 3.00 -0.15 23.01
N ARG A 333 2.48 0.21 21.84
CA ARG A 333 2.81 1.48 21.19
C ARG A 333 1.65 2.44 21.12
N TRP A 334 0.42 1.96 20.94
CA TRP A 334 -0.73 2.81 20.68
C TRP A 334 -1.75 2.71 21.81
N SER A 335 -2.29 3.86 22.22
CA SER A 335 -3.45 3.87 23.10
C SER A 335 -4.70 3.54 22.30
N ASP A 336 -5.55 2.67 22.83
CA ASP A 336 -6.79 2.29 22.19
C ASP A 336 -6.53 1.97 20.70
N PRO A 337 -5.64 1.02 20.42
CA PRO A 337 -5.23 0.81 19.03
C PRO A 337 -6.37 0.39 18.11
N ASP A 338 -7.42 -0.22 18.65
CA ASP A 338 -8.53 -0.70 17.85
C ASP A 338 -9.63 0.34 17.68
N LEU A 339 -9.36 1.59 18.04
CA LEU A 339 -10.30 2.68 17.81
C LEU A 339 -9.80 3.54 16.65
N TYR A 340 -10.74 3.93 15.77
CA TYR A 340 -10.46 4.86 14.69
C TYR A 340 -10.65 6.27 15.25
N ASP A 341 -9.58 7.06 15.29
CA ASP A 341 -9.58 8.37 15.95
C ASP A 341 -8.92 9.39 15.03
N ILE A 342 -9.71 10.23 14.38
CA ILE A 342 -9.18 11.13 13.36
C ILE A 342 -8.31 12.24 13.90
N THR A 343 -8.27 12.44 15.22
CA THR A 343 -7.33 13.38 15.81
C THR A 343 -6.14 12.70 16.48
N ARG A 344 -6.00 11.38 16.34
CA ARG A 344 -4.85 10.67 16.89
C ARG A 344 -3.56 11.26 16.34
N LYS A 345 -2.52 11.30 17.18
CA LYS A 345 -1.17 11.57 16.70
C LYS A 345 -0.69 10.29 16.00
N THR A 346 -0.71 10.31 14.67
CA THR A 346 -0.42 9.12 13.88
C THR A 346 1.04 8.99 13.51
N SER A 347 1.85 10.02 13.77
CA SER A 347 3.26 9.98 13.37
C SER A 347 3.93 8.76 13.97
N GLY A 348 4.65 8.04 13.12
CA GLY A 348 5.33 6.83 13.54
C GLY A 348 4.64 5.54 13.13
N HIS A 349 3.39 5.59 12.67
CA HIS A 349 2.83 4.35 12.15
C HIS A 349 3.66 3.87 10.98
N VAL A 350 3.57 2.57 10.71
CA VAL A 350 4.39 1.92 9.69
C VAL A 350 3.57 1.49 8.48
N GLY A 351 2.38 2.08 8.29
CA GLY A 351 1.57 1.74 7.14
C GLY A 351 2.19 2.11 5.81
N PHE A 352 3.09 3.09 5.79
CA PHE A 352 3.90 3.44 4.62
C PHE A 352 5.32 2.92 4.76
N GLY A 353 5.59 2.04 5.72
CA GLY A 353 6.94 1.63 5.98
C GLY A 353 7.67 2.62 6.87
N SER A 354 9.00 2.49 6.90
CA SER A 354 9.85 3.33 7.74
C SER A 354 11.28 3.18 7.28
N GLY A 355 12.03 4.27 7.30
CA GLY A 355 13.43 4.22 6.90
C GLY A 355 13.66 4.44 5.41
N VAL A 356 14.68 3.79 4.85
CA VAL A 356 15.15 4.18 3.53
C VAL A 356 14.15 3.84 2.42
N HIS A 357 13.32 2.82 2.63
CA HIS A 357 12.33 2.41 1.63
C HIS A 357 10.95 2.99 1.91
N MET A 358 10.82 3.85 2.91
CA MET A 358 9.49 4.36 3.25
C MET A 358 8.82 4.94 2.01
N CYS A 359 7.53 4.64 1.86
CA CYS A 359 6.79 4.90 0.63
C CYS A 359 7.20 6.19 -0.08
N VAL A 360 7.81 6.07 -1.26
CA VAL A 360 8.21 7.27 -2.01
C VAL A 360 7.00 7.95 -2.63
N GLY A 361 5.88 7.25 -2.76
CA GLY A 361 4.68 7.86 -3.29
C GLY A 361 3.73 8.40 -2.25
N GLN A 362 4.17 8.53 -0.99
CA GLN A 362 3.22 8.86 0.07
C GLN A 362 2.56 10.23 -0.11
N LEU A 363 3.22 11.17 -0.79
CA LEU A 363 2.58 12.47 -1.00
C LEU A 363 1.43 12.35 -1.99
N VAL A 364 1.55 11.49 -3.01
CA VAL A 364 0.43 11.24 -3.91
C VAL A 364 -0.71 10.55 -3.15
N ALA A 365 -0.38 9.50 -2.40
CA ALA A 365 -1.41 8.80 -1.64
C ALA A 365 -2.15 9.74 -0.71
N ARG A 366 -1.42 10.55 0.05
CA ARG A 366 -2.05 11.46 1.00
C ARG A 366 -2.85 12.53 0.29
N LEU A 367 -2.38 13.01 -0.87
CA LEU A 367 -3.13 14.01 -1.62
C LEU A 367 -4.49 13.45 -2.05
N GLU A 368 -4.50 12.25 -2.64
CA GLU A 368 -5.74 11.62 -3.05
C GLU A 368 -6.68 11.39 -1.86
N GLY A 369 -6.14 10.83 -0.77
CA GLY A 369 -6.97 10.58 0.40
C GLY A 369 -7.51 11.87 1.00
N GLU A 370 -6.66 12.90 1.11
CA GLU A 370 -7.10 14.16 1.66
C GLU A 370 -8.23 14.78 0.84
N VAL A 371 -8.04 14.89 -0.48
CA VAL A 371 -9.06 15.60 -1.26
C VAL A 371 -10.36 14.81 -1.32
N MET A 372 -10.29 13.48 -1.32
CA MET A 372 -11.53 12.70 -1.27
C MET A 372 -12.23 12.88 0.08
N LEU A 373 -11.50 12.78 1.19
CA LEU A 373 -12.16 12.94 2.48
C LEU A 373 -12.64 14.37 2.68
N SER A 374 -11.97 15.35 2.07
CA SER A 374 -12.45 16.73 2.11
C SER A 374 -13.79 16.85 1.40
N ALA A 375 -13.90 16.27 0.20
CA ALA A 375 -15.16 16.26 -0.54
C ALA A 375 -16.27 15.62 0.27
N LEU A 376 -16.00 14.46 0.89
CA LEU A 376 -17.02 13.83 1.72
C LEU A 376 -17.38 14.71 2.91
N ALA A 377 -16.37 15.30 3.55
CA ALA A 377 -16.62 16.13 4.72
C ALA A 377 -17.52 17.30 4.39
N ARG A 378 -17.38 17.86 3.20
CA ARG A 378 -18.15 19.04 2.84
C ARG A 378 -19.51 18.72 2.23
N LYS A 379 -19.70 17.53 1.67
CA LYS A 379 -20.88 17.25 0.87
C LYS A 379 -21.80 16.19 1.43
N VAL A 380 -21.34 15.35 2.35
CA VAL A 380 -22.09 14.18 2.78
C VAL A 380 -22.41 14.33 4.26
N ALA A 381 -23.66 14.04 4.61
CA ALA A 381 -24.09 14.09 6.01
C ALA A 381 -24.04 12.73 6.70
N ALA A 382 -24.20 11.64 5.95
CA ALA A 382 -24.20 10.33 6.55
C ALA A 382 -23.73 9.32 5.51
N ILE A 383 -23.06 8.28 5.99
CA ILE A 383 -22.62 7.14 5.18
C ILE A 383 -23.10 5.90 5.94
N ASP A 384 -24.11 5.20 5.39
CA ASP A 384 -24.71 4.05 6.04
C ASP A 384 -24.52 2.81 5.18
N ILE A 385 -23.91 1.78 5.77
CA ILE A 385 -23.81 0.50 5.06
C ILE A 385 -25.22 -0.02 4.83
N ASP A 386 -25.51 -0.38 3.58
CA ASP A 386 -26.88 -0.80 3.26
C ASP A 386 -26.91 -2.05 2.39
N GLY A 387 -25.89 -2.90 2.52
CA GLY A 387 -25.85 -4.15 1.80
C GLY A 387 -24.76 -5.03 2.36
N PRO A 388 -24.65 -6.25 1.83
CA PRO A 388 -23.62 -7.18 2.33
C PRO A 388 -22.23 -6.65 1.99
N VAL A 389 -21.35 -6.64 2.99
CA VAL A 389 -19.95 -6.27 2.79
C VAL A 389 -19.18 -7.52 2.38
N LYS A 390 -18.39 -7.40 1.32
CA LYS A 390 -17.60 -8.52 0.80
C LYS A 390 -16.12 -8.17 0.84
N ARG A 391 -15.31 -9.05 1.42
CA ARG A 391 -13.87 -8.81 1.49
C ARG A 391 -13.16 -9.33 0.24
N ARG A 392 -12.08 -8.65 -0.12
CA ARG A 392 -11.22 -9.04 -1.23
C ARG A 392 -9.96 -9.67 -0.62
N PHE A 393 -9.57 -10.83 -1.14
CA PHE A 393 -8.45 -11.57 -0.57
C PHE A 393 -7.21 -11.41 -1.44
N ASN A 394 -6.10 -11.03 -0.82
CA ASN A 394 -4.84 -10.82 -1.51
C ASN A 394 -3.74 -11.12 -0.50
N ASN A 395 -2.61 -11.65 -0.99
CA ASN A 395 -1.57 -12.07 -0.07
C ASN A 395 -0.93 -10.90 0.68
N THR A 396 -1.01 -9.69 0.15
CA THR A 396 -0.39 -8.53 0.77
C THR A 396 -1.37 -7.39 1.07
N LEU A 397 -2.37 -7.16 0.22
CA LEU A 397 -3.30 -6.05 0.41
C LEU A 397 -4.51 -6.47 1.23
N ARG A 398 -4.92 -5.59 2.15
CA ARG A 398 -6.16 -5.75 2.90
C ARG A 398 -7.19 -4.74 2.40
N GLY A 399 -8.37 -5.23 2.05
CA GLY A 399 -9.42 -4.31 1.65
C GLY A 399 -10.65 -5.08 1.22
N LEU A 400 -11.65 -4.32 0.78
CA LEU A 400 -12.95 -4.86 0.46
C LEU A 400 -13.14 -4.99 -1.05
N GLU A 401 -13.94 -6.00 -1.42
CA GLU A 401 -14.42 -6.15 -2.79
C GLU A 401 -15.67 -5.31 -3.03
N SER A 402 -16.55 -5.23 -2.04
CA SER A 402 -17.81 -4.52 -2.19
C SER A 402 -18.21 -3.89 -0.85
N LEU A 403 -18.64 -2.64 -0.90
CA LEU A 403 -19.05 -1.89 0.29
C LEU A 403 -20.29 -1.08 -0.07
N PRO A 404 -21.46 -1.71 -0.05
CA PRO A 404 -22.70 -0.97 -0.38
C PRO A 404 -23.01 0.05 0.71
N VAL A 405 -23.14 1.32 0.30
CA VAL A 405 -23.47 2.40 1.21
C VAL A 405 -24.55 3.27 0.59
N LYS A 406 -25.32 3.90 1.47
CA LYS A 406 -26.18 5.01 1.09
C LYS A 406 -25.51 6.29 1.58
N LEU A 407 -25.33 7.24 0.67
CA LEU A 407 -24.79 8.56 0.99
C LEU A 407 -25.96 9.53 1.12
N THR A 408 -26.06 10.17 2.27
CA THR A 408 -27.05 11.23 2.45
C THR A 408 -26.40 12.57 2.24
N PRO A 409 -26.96 13.44 1.41
CA PRO A 409 -26.33 14.75 1.17
C PRO A 409 -26.42 15.67 2.38
N ALA A 410 -25.43 16.54 2.50
CA ALA A 410 -25.39 17.52 3.58
C ALA A 410 -26.44 18.61 3.36
C01 L3C B . 6.40 -0.67 -3.86
C02 L3C B . 7.15 -0.72 -5.03
C03 L3C B . 6.84 -1.64 -6.01
C04 L3C B . 5.78 -2.52 -5.82
C05 L3C B . 5.03 -2.47 -4.65
C06 L3C B . 5.33 -1.54 -3.67
C07 L3C B . 4.53 -1.45 -2.36
C09 L3C B . 7.70 -1.69 -7.27
O10 L3C B . 8.81 -1.07 -7.29
O11 L3C B . 7.32 -2.39 -8.24
CL08 L3C B . 3.29 -0.15 -2.31
H011 L3C B . 6.65 0.05 -3.10
H021 L3C B . 7.99 -0.04 -5.16
H041 L3C B . 5.54 -3.24 -6.58
H051 L3C B . 4.20 -3.15 -4.52
H071 L3C B . 4.02 -2.40 -2.22
H072 L3C B . 5.23 -1.30 -1.55
CHA HEM C . 7.08 1.71 -0.79
CHB HEM C . 2.66 1.44 1.26
CHC HEM C . 0.93 4.41 -2.14
CHD HEM C . 5.05 3.85 -4.63
C1A HEM C . 6.06 1.43 0.10
C2A HEM C . 6.17 0.69 1.35
C3A HEM C . 4.96 0.61 1.91
C4A HEM C . 4.02 1.31 1.05
CMA HEM C . 4.63 -0.08 3.24
CAA HEM C . 7.49 0.11 1.96
CBA HEM C . 7.99 -1.14 1.25
CGA HEM C . 9.17 -1.74 1.97
O1A HEM C . 9.68 -2.78 1.48
O2A HEM C . 9.62 -1.22 3.03
C1B HEM C . 1.81 2.27 0.56
C2B HEM C . 0.44 2.59 0.91
C3B HEM C . -0.03 3.42 -0.04
C4B HEM C . 1.03 3.63 -1.02
CMB HEM C . -0.29 2.08 2.17
CAB HEM C . -1.40 4.10 -0.19
CBB HEM C . -2.24 4.25 0.84
C1C HEM C . 1.90 4.54 -3.11
C2C HEM C . 1.81 5.36 -4.29
C3C HEM C . 2.95 5.20 -5.00
C4C HEM C . 3.78 4.29 -4.27
CMC HEM C . 0.58 6.23 -4.63
CAC HEM C . 3.37 5.85 -6.33
CBC HEM C . 2.65 6.81 -6.91
C1D HEM C . 5.94 3.22 -3.81
C2D HEM C . 7.30 2.85 -4.17
C3D HEM C . 7.87 2.26 -3.12
C4D HEM C . 6.90 2.23 -2.04
CMD HEM C . 7.92 3.11 -5.56
CAD HEM C . 9.31 1.72 -3.02
CBD HEM C . 10.16 2.76 -2.27
CGD HEM C . 11.55 2.24 -1.98
O1D HEM C . 12.45 3.07 -1.66
O2D HEM C . 11.78 1.00 -2.05
NA HEM C . 4.72 1.79 -0.05
NB HEM C . 2.12 2.90 -0.64
NC HEM C . 3.14 3.91 -3.11
ND HEM C . 5.73 2.82 -2.51
FE HEM C . 3.98 3.04 -1.47
CL CL D . 5.90 -7.11 -15.25
#